data_8C65
#
_entry.id   8C65
#
_cell.length_a   45.798
_cell.length_b   96.430
_cell.length_c   58.525
_cell.angle_alpha   90.000
_cell.angle_beta   111.033
_cell.angle_gamma   90.000
#
_symmetry.space_group_name_H-M   'P 1 21 1'
#
loop_
_entity.id
_entity.type
_entity.pdbx_description
1 polymer 'PBS(A) depolymerase'
2 water water
#
_entity_poly.entity_id   1
_entity_poly.type   'polypeptide(L)'
_entity_poly.pdbx_seq_one_letter_code
;QTNPYERGPAPTTSSLEASRGPFSYQSFTVSRPSGYRAGTVYYPTNAGGPVGAIAIVPGFTARQSSINWWGPRLASHGFV
VITIDTNSTLDQPDSRSRQQMAALSQVATLSRTSSSPIYNKVDTSRLGVMGWSMGGGGSLISARNNPSIKAAAPQAPWSA
SKNFSSLTVPTLIIACENDTIAPVNQHADTFYDSMSRNPREFLEINNGSHSCANSGNSNQALLGKKGVAWMKRFMDNDRR
YTSFACSNPNSYNVSDFRVAACNLEHHHHHH
;
_entity_poly.pdbx_strand_id   A,B
#
# COMPACT_ATOMS: atom_id res chain seq x y z
N GLN A 1 -12.29 15.05 -13.44
CA GLN A 1 -11.16 14.56 -14.27
C GLN A 1 -11.46 13.18 -14.83
N THR A 2 -10.92 12.90 -16.03
CA THR A 2 -10.56 11.55 -16.45
C THR A 2 -9.86 10.80 -15.31
N ASN A 3 -10.15 9.49 -15.21
CA ASN A 3 -9.43 8.58 -14.32
C ASN A 3 -8.19 8.08 -15.06
N PRO A 4 -6.97 8.45 -14.63
CA PRO A 4 -5.78 8.16 -15.41
C PRO A 4 -5.42 6.66 -15.40
N TYR A 5 -6.13 5.84 -14.63
CA TYR A 5 -5.81 4.42 -14.50
C TYR A 5 -6.66 3.55 -15.43
N GLU A 6 -7.69 4.13 -16.05
CA GLU A 6 -8.51 3.40 -17.02
C GLU A 6 -7.61 2.88 -18.15
N ARG A 7 -7.76 1.59 -18.44
CA ARG A 7 -7.12 0.89 -19.55
C ARG A 7 -8.18 0.07 -20.26
N GLY A 8 -8.03 -0.03 -21.59
CA GLY A 8 -8.88 -0.89 -22.39
C GLY A 8 -10.24 -0.24 -22.65
N PRO A 9 -11.05 -0.82 -23.56
CA PRO A 9 -12.37 -0.29 -23.87
C PRO A 9 -13.40 -0.69 -22.82
N ALA A 10 -14.60 -0.15 -22.99
CA ALA A 10 -15.71 -0.39 -22.08
C ALA A 10 -15.94 -1.91 -22.00
N PRO A 11 -16.10 -2.49 -20.79
CA PRO A 11 -16.32 -3.93 -20.67
C PRO A 11 -17.73 -4.30 -21.12
N THR A 12 -17.90 -5.56 -21.55
CA THR A 12 -19.20 -6.17 -21.80
C THR A 12 -19.23 -7.50 -21.07
N THR A 13 -20.42 -8.08 -20.92
CA THR A 13 -20.51 -9.43 -20.37
C THR A 13 -19.60 -10.36 -21.15
N SER A 14 -19.65 -10.28 -22.49
CA SER A 14 -18.90 -11.28 -23.23
C SER A 14 -17.40 -10.98 -23.20
N SER A 15 -17.01 -9.69 -23.16
CA SER A 15 -15.60 -9.38 -23.13
C SER A 15 -14.98 -9.86 -21.80
N LEU A 16 -15.79 -9.91 -20.72
CA LEU A 16 -15.33 -10.31 -19.40
C LEU A 16 -15.39 -11.81 -19.20
N GLU A 17 -16.33 -12.47 -19.90
CA GLU A 17 -16.46 -13.92 -19.80
C GLU A 17 -15.48 -14.64 -20.73
N ALA A 18 -14.97 -13.92 -21.73
CA ALA A 18 -13.91 -14.37 -22.64
C ALA A 18 -12.70 -14.89 -21.87
N SER A 19 -11.90 -15.73 -22.54
CA SER A 19 -10.68 -16.24 -21.93
C SER A 19 -9.72 -15.07 -21.71
N ARG A 20 -9.71 -14.18 -22.72
CA ARG A 20 -8.68 -13.15 -22.83
C ARG A 20 -9.33 -11.79 -23.09
N GLY A 21 -8.82 -10.81 -22.31
CA GLY A 21 -9.12 -9.39 -22.44
C GLY A 21 -8.47 -8.81 -23.68
N PRO A 22 -8.45 -7.47 -23.82
CA PRO A 22 -8.02 -6.86 -25.07
C PRO A 22 -6.49 -6.84 -25.26
N PHE A 23 -5.68 -7.27 -24.27
CA PHE A 23 -4.25 -7.08 -24.38
C PHE A 23 -3.53 -8.43 -24.58
N SER A 24 -2.54 -8.40 -25.49
CA SER A 24 -1.54 -9.44 -25.60
C SER A 24 -0.77 -9.56 -24.30
N TYR A 25 -0.37 -10.77 -23.94
CA TYR A 25 0.38 -11.00 -22.72
C TYR A 25 1.56 -11.91 -23.05
N GLN A 26 2.64 -11.71 -22.29
CA GLN A 26 3.79 -12.62 -22.26
C GLN A 26 4.07 -12.97 -20.81
N SER A 27 5.08 -13.81 -20.58
CA SER A 27 5.43 -14.21 -19.23
C SER A 27 6.93 -14.53 -19.19
N PHE A 28 7.49 -14.44 -17.97
CA PHE A 28 8.84 -14.90 -17.69
C PHE A 28 8.91 -15.48 -16.29
N THR A 29 9.94 -16.30 -16.08
CA THR A 29 10.33 -16.88 -14.79
C THR A 29 11.26 -15.90 -14.11
N VAL A 30 11.08 -15.71 -12.79
CA VAL A 30 11.95 -14.84 -12.02
C VAL A 30 13.26 -15.59 -11.81
N SER A 31 14.38 -14.95 -12.15
CA SER A 31 15.71 -15.56 -12.11
C SER A 31 16.16 -15.82 -10.68
N ARG A 32 16.10 -14.77 -9.87
CA ARG A 32 16.60 -14.84 -8.52
C ARG A 32 15.48 -14.40 -7.58
N PRO A 33 14.52 -15.29 -7.29
CA PRO A 33 13.39 -14.91 -6.47
C PRO A 33 13.95 -14.48 -5.12
N SER A 34 13.37 -13.41 -4.58
CA SER A 34 13.78 -12.89 -3.31
C SER A 34 12.68 -13.03 -2.27
N GLY A 35 12.86 -13.93 -1.28
CA GLY A 35 11.88 -14.12 -0.21
C GLY A 35 10.71 -15.08 -0.50
N TYR A 36 10.78 -15.83 -1.61
CA TYR A 36 9.87 -16.91 -1.96
C TYR A 36 10.66 -17.82 -2.89
N ARG A 37 10.10 -18.97 -3.28
CA ARG A 37 10.88 -20.01 -3.92
C ARG A 37 11.00 -19.81 -5.42
N ALA A 38 9.86 -19.52 -6.09
CA ALA A 38 9.87 -19.36 -7.53
C ALA A 38 8.70 -18.49 -7.91
N GLY A 39 8.74 -17.92 -9.12
CA GLY A 39 7.68 -17.02 -9.56
C GLY A 39 7.60 -16.94 -11.09
N THR A 40 6.37 -16.90 -11.62
CA THR A 40 6.11 -16.61 -13.03
C THR A 40 5.34 -15.29 -13.08
N VAL A 41 5.89 -14.36 -13.86
CA VAL A 41 5.34 -13.04 -14.06
C VAL A 41 4.68 -12.98 -15.43
N TYR A 42 3.37 -12.69 -15.39
CA TYR A 42 2.55 -12.47 -16.56
C TYR A 42 2.33 -10.97 -16.73
N TYR A 43 2.43 -10.46 -17.96
CA TYR A 43 2.26 -9.03 -18.15
C TYR A 43 1.68 -8.74 -19.52
N PRO A 44 0.94 -7.61 -19.66
CA PRO A 44 0.48 -7.13 -20.96
C PRO A 44 1.63 -6.45 -21.68
N THR A 45 1.76 -6.72 -22.96
CA THR A 45 2.81 -6.10 -23.74
C THR A 45 2.40 -4.67 -24.11
N ASN A 46 1.11 -4.34 -24.09
CA ASN A 46 0.57 -3.24 -24.87
C ASN A 46 -0.60 -2.58 -24.15
N ALA A 47 -0.55 -2.39 -22.81
CA ALA A 47 -1.71 -1.97 -22.02
C ALA A 47 -2.05 -0.49 -22.24
N GLY A 48 -1.13 0.29 -22.82
CA GLY A 48 -1.36 1.72 -23.05
C GLY A 48 -1.03 2.58 -21.80
N GLY A 49 -0.30 2.00 -20.83
CA GLY A 49 0.13 2.73 -19.67
C GLY A 49 0.50 1.77 -18.54
N PRO A 50 1.08 2.27 -17.42
CA PRO A 50 1.37 1.42 -16.27
C PRO A 50 0.08 0.79 -15.73
N VAL A 51 0.24 -0.41 -15.15
CA VAL A 51 -0.88 -1.18 -14.62
C VAL A 51 -0.45 -1.64 -13.25
N GLY A 52 -1.43 -2.05 -12.44
CA GLY A 52 -1.18 -2.53 -11.09
C GLY A 52 -0.64 -3.95 -11.12
N ALA A 53 -0.19 -4.42 -9.95
CA ALA A 53 0.43 -5.73 -9.86
C ALA A 53 -0.32 -6.58 -8.82
N ILE A 54 -0.51 -7.86 -9.13
CA ILE A 54 -1.20 -8.80 -8.28
C ILE A 54 -0.29 -10.00 -8.04
N ALA A 55 -0.19 -10.42 -6.77
CA ALA A 55 0.54 -11.63 -6.41
C ALA A 55 -0.45 -12.69 -5.93
N ILE A 56 -0.29 -13.89 -6.47
CA ILE A 56 -1.20 -15.01 -6.23
C ILE A 56 -0.41 -16.19 -5.64
N VAL A 57 -0.90 -16.69 -4.50
CA VAL A 57 -0.28 -17.75 -3.74
C VAL A 57 -1.13 -19.02 -3.74
N PRO A 58 -0.51 -20.21 -3.95
CA PRO A 58 -1.22 -21.49 -3.88
C PRO A 58 -1.59 -21.86 -2.44
N GLY A 59 -2.24 -23.03 -2.33
CA GLY A 59 -2.60 -23.56 -1.02
C GLY A 59 -1.52 -24.52 -0.50
N PHE A 60 -1.78 -25.03 0.70
CA PHE A 60 -0.92 -26.00 1.37
C PHE A 60 -0.63 -27.18 0.46
N THR A 61 0.66 -27.52 0.29
CA THR A 61 1.17 -28.62 -0.50
C THR A 61 1.06 -28.36 -2.00
N ALA A 62 0.60 -27.17 -2.42
CA ALA A 62 0.35 -26.93 -3.84
C ALA A 62 1.38 -25.95 -4.43
N ARG A 63 1.30 -25.80 -5.75
CA ARG A 63 2.23 -25.01 -6.54
C ARG A 63 1.49 -24.06 -7.49
N GLN A 64 2.27 -23.36 -8.30
CA GLN A 64 1.74 -22.33 -9.18
C GLN A 64 0.60 -22.88 -10.06
N SER A 65 0.71 -24.16 -10.43
CA SER A 65 -0.24 -24.77 -11.34
C SER A 65 -1.68 -24.73 -10.82
N SER A 66 -1.87 -24.80 -9.50
CA SER A 66 -3.20 -24.74 -8.92
C SER A 66 -3.91 -23.41 -9.22
N ILE A 67 -3.16 -22.28 -9.31
CA ILE A 67 -3.76 -20.96 -9.34
C ILE A 67 -3.38 -20.11 -10.57
N ASN A 68 -2.54 -20.65 -11.47
CA ASN A 68 -1.94 -19.82 -12.51
C ASN A 68 -2.88 -19.52 -13.69
N TRP A 69 -4.07 -20.14 -13.82
CA TRP A 69 -5.00 -19.67 -14.85
C TRP A 69 -5.29 -18.15 -14.73
N TRP A 70 -5.17 -17.64 -13.51
CA TRP A 70 -5.43 -16.23 -13.26
C TRP A 70 -4.39 -15.34 -13.95
N GLY A 71 -3.18 -15.89 -14.17
CA GLY A 71 -2.10 -15.12 -14.76
C GLY A 71 -2.47 -14.54 -16.12
N PRO A 72 -2.70 -15.36 -17.14
CA PRO A 72 -3.12 -14.86 -18.44
C PRO A 72 -4.45 -14.09 -18.38
N ARG A 73 -5.40 -14.59 -17.57
CA ARG A 73 -6.74 -14.03 -17.55
C ARG A 73 -6.66 -12.56 -17.14
N LEU A 74 -5.93 -12.27 -16.06
CA LEU A 74 -5.82 -10.91 -15.55
C LEU A 74 -4.83 -10.07 -16.36
N ALA A 75 -3.69 -10.65 -16.72
CA ALA A 75 -2.70 -9.92 -17.51
C ALA A 75 -3.32 -9.37 -18.82
N SER A 76 -4.20 -10.18 -19.47
CA SER A 76 -4.77 -9.81 -20.77
C SER A 76 -5.77 -8.67 -20.62
N HIS A 77 -6.12 -8.31 -19.36
CA HIS A 77 -6.99 -7.17 -19.10
C HIS A 77 -6.22 -5.95 -18.57
N GLY A 78 -4.90 -6.05 -18.44
CA GLY A 78 -4.11 -4.91 -18.01
C GLY A 78 -3.73 -5.00 -16.52
N PHE A 79 -2.98 -6.06 -16.17
CA PHE A 79 -2.36 -6.21 -14.86
C PHE A 79 -1.07 -7.00 -15.02
N VAL A 80 -0.11 -6.75 -14.14
CA VAL A 80 1.08 -7.59 -14.08
C VAL A 80 0.81 -8.56 -12.93
N VAL A 81 0.91 -9.87 -13.21
CA VAL A 81 0.58 -10.89 -12.24
C VAL A 81 1.78 -11.79 -11.95
N ILE A 82 2.08 -11.98 -10.67
CA ILE A 82 3.08 -12.97 -10.28
C ILE A 82 2.40 -14.12 -9.53
N THR A 83 2.61 -15.33 -10.09
CA THR A 83 2.19 -16.55 -9.39
C THR A 83 3.43 -17.15 -8.74
N ILE A 84 3.37 -17.45 -7.45
CA ILE A 84 4.57 -17.89 -6.76
C ILE A 84 4.46 -19.33 -6.26
N ASP A 85 5.64 -19.93 -6.06
CA ASP A 85 5.81 -21.08 -5.19
C ASP A 85 6.43 -20.63 -3.87
N THR A 86 5.95 -21.23 -2.78
CA THR A 86 6.36 -20.82 -1.45
C THR A 86 7.65 -21.54 -1.06
N ASN A 87 8.36 -20.94 -0.09
CA ASN A 87 9.64 -21.44 0.38
C ASN A 87 9.50 -22.94 0.67
N SER A 88 8.40 -23.30 1.36
CA SER A 88 8.00 -24.68 1.56
C SER A 88 6.53 -24.81 1.20
N THR A 89 6.17 -25.96 0.60
CA THR A 89 4.77 -26.19 0.29
C THR A 89 3.95 -26.31 1.58
N LEU A 90 4.61 -26.53 2.72
CA LEU A 90 3.95 -26.65 4.01
C LEU A 90 3.80 -25.31 4.76
N ASP A 91 4.17 -24.19 4.13
CA ASP A 91 4.10 -22.89 4.79
C ASP A 91 2.65 -22.56 5.18
N GLN A 92 2.49 -21.86 6.31
CA GLN A 92 1.18 -21.52 6.85
C GLN A 92 0.81 -20.10 6.42
N PRO A 93 -0.43 -19.62 6.67
CA PRO A 93 -0.91 -18.37 6.06
C PRO A 93 -0.13 -17.09 6.35
N ASP A 94 0.46 -16.95 7.55
CA ASP A 94 1.22 -15.75 7.88
C ASP A 94 2.49 -15.70 7.04
N SER A 95 3.17 -16.86 6.93
CA SER A 95 4.36 -17.02 6.11
C SER A 95 4.02 -16.75 4.64
N ARG A 96 2.87 -17.24 4.22
CA ARG A 96 2.44 -17.01 2.85
C ARG A 96 2.20 -15.53 2.57
N SER A 97 1.70 -14.79 3.57
CA SER A 97 1.45 -13.36 3.42
C SER A 97 2.78 -12.64 3.22
N ARG A 98 3.75 -12.98 4.05
CA ARG A 98 5.07 -12.37 3.94
C ARG A 98 5.64 -12.59 2.52
N GLN A 99 5.53 -13.84 2.03
CA GLN A 99 6.07 -14.22 0.73
C GLN A 99 5.29 -13.51 -0.38
N GLN A 100 3.99 -13.33 -0.18
CA GLN A 100 3.15 -12.61 -1.12
C GLN A 100 3.64 -11.17 -1.24
N MET A 101 3.91 -10.52 -0.10
CA MET A 101 4.39 -9.14 -0.13
C MET A 101 5.79 -9.06 -0.74
N ALA A 102 6.64 -10.06 -0.42
CA ALA A 102 7.98 -10.11 -0.99
C ALA A 102 7.86 -10.20 -2.50
N ALA A 103 6.91 -11.01 -2.99
CA ALA A 103 6.79 -11.17 -4.42
C ALA A 103 6.37 -9.84 -5.06
N LEU A 104 5.47 -9.13 -4.42
CA LEU A 104 5.08 -7.81 -4.90
C LEU A 104 6.28 -6.85 -4.86
N SER A 105 7.10 -6.92 -3.79
CA SER A 105 8.29 -6.07 -3.68
C SER A 105 9.19 -6.30 -4.90
N GLN A 106 9.39 -7.57 -5.27
CA GLN A 106 10.31 -7.89 -6.35
C GLN A 106 9.66 -7.54 -7.69
N VAL A 107 8.35 -7.74 -7.86
CA VAL A 107 7.72 -7.24 -9.08
C VAL A 107 8.04 -5.74 -9.21
N ALA A 108 7.95 -5.01 -8.10
CA ALA A 108 8.17 -3.57 -8.12
C ALA A 108 9.60 -3.25 -8.53
N THR A 109 10.59 -3.91 -7.88
CA THR A 109 11.98 -3.63 -8.23
C THR A 109 12.25 -4.01 -9.67
N LEU A 110 11.66 -5.12 -10.16
CA LEU A 110 11.92 -5.50 -11.54
C LEU A 110 11.34 -4.46 -12.49
N SER A 111 10.19 -3.85 -12.12
CA SER A 111 9.59 -2.81 -12.95
CA SER A 111 9.59 -2.81 -12.95
C SER A 111 10.47 -1.56 -12.97
N ARG A 112 11.43 -1.46 -12.04
CA ARG A 112 12.40 -0.36 -12.03
C ARG A 112 13.76 -0.82 -12.52
N THR A 113 13.84 -2.01 -13.13
CA THR A 113 15.10 -2.57 -13.60
C THR A 113 15.06 -2.56 -15.13
N SER A 114 15.99 -1.87 -15.73
CA SER A 114 16.07 -1.68 -17.17
CA SER A 114 16.05 -1.68 -17.17
C SER A 114 16.13 -2.99 -17.95
N SER A 115 16.70 -4.06 -17.36
CA SER A 115 16.81 -5.39 -17.95
CA SER A 115 16.81 -5.35 -18.04
C SER A 115 15.45 -6.05 -18.16
N SER A 116 14.45 -5.60 -17.39
CA SER A 116 13.27 -6.43 -17.19
C SER A 116 12.23 -6.24 -18.29
N PRO A 117 11.55 -7.32 -18.70
CA PRO A 117 10.37 -7.18 -19.55
C PRO A 117 9.29 -6.22 -19.02
N ILE A 118 9.17 -6.06 -17.70
CA ILE A 118 8.15 -5.20 -17.14
C ILE A 118 8.70 -3.84 -16.72
N TYR A 119 9.87 -3.47 -17.25
CA TYR A 119 10.45 -2.16 -16.97
C TYR A 119 9.44 -1.07 -17.33
N ASN A 120 9.13 -0.22 -16.33
CA ASN A 120 8.17 0.87 -16.45
C ASN A 120 6.73 0.41 -16.68
N LYS A 121 6.40 -0.86 -16.50
CA LYS A 121 5.04 -1.35 -16.83
C LYS A 121 4.11 -1.31 -15.62
N VAL A 122 4.64 -1.03 -14.43
CA VAL A 122 3.91 -1.24 -13.17
C VAL A 122 3.78 0.08 -12.41
N ASP A 123 2.54 0.35 -11.96
CA ASP A 123 2.32 1.36 -10.93
C ASP A 123 2.43 0.65 -9.57
N THR A 124 3.58 0.82 -8.92
CA THR A 124 3.92 -0.02 -7.76
C THR A 124 3.15 0.42 -6.51
N SER A 125 2.31 1.46 -6.66
CA SER A 125 1.42 1.89 -5.60
C SER A 125 0.08 1.19 -5.72
N ARG A 126 -0.17 0.41 -6.75
CA ARG A 126 -1.50 -0.18 -6.92
C ARG A 126 -1.38 -1.71 -6.99
N LEU A 127 -1.60 -2.39 -5.83
CA LEU A 127 -1.29 -3.80 -5.65
C LEU A 127 -2.56 -4.56 -5.25
N GLY A 128 -2.63 -5.83 -5.65
CA GLY A 128 -3.68 -6.74 -5.26
C GLY A 128 -3.12 -8.09 -4.81
N VAL A 129 -3.95 -8.81 -4.04
CA VAL A 129 -3.57 -10.09 -3.45
C VAL A 129 -4.68 -11.11 -3.70
N MET A 130 -4.25 -12.30 -4.15
CA MET A 130 -5.15 -13.42 -4.43
C MET A 130 -4.44 -14.69 -3.99
N GLY A 131 -5.21 -15.75 -3.85
CA GLY A 131 -4.62 -17.05 -3.55
C GLY A 131 -5.66 -18.03 -3.07
N TRP A 132 -5.24 -19.31 -3.05
CA TRP A 132 -6.09 -20.45 -2.77
C TRP A 132 -5.79 -20.97 -1.37
N SER A 133 -6.87 -21.20 -0.61
CA SER A 133 -6.78 -21.88 0.67
C SER A 133 -5.83 -21.10 1.56
N MET A 134 -4.74 -21.71 2.04
CA MET A 134 -3.86 -21.01 2.94
C MET A 134 -3.24 -19.79 2.24
N GLY A 135 -3.11 -19.82 0.91
CA GLY A 135 -2.68 -18.63 0.17
C GLY A 135 -3.76 -17.55 0.12
N GLY A 136 -5.01 -17.99 0.23
CA GLY A 136 -6.16 -17.10 0.34
C GLY A 136 -6.24 -16.45 1.71
N GLY A 137 -6.01 -17.22 2.78
CA GLY A 137 -5.87 -16.65 4.11
C GLY A 137 -4.70 -15.68 4.19
N GLY A 138 -3.59 -16.08 3.56
CA GLY A 138 -2.48 -15.15 3.46
C GLY A 138 -2.87 -13.84 2.79
N SER A 139 -3.76 -13.89 1.77
CA SER A 139 -4.18 -12.67 1.10
C SER A 139 -4.96 -11.76 2.04
N LEU A 140 -5.86 -12.36 2.85
CA LEU A 140 -6.61 -11.63 3.86
C LEU A 140 -5.65 -10.98 4.86
N ILE A 141 -4.66 -11.78 5.30
CA ILE A 141 -3.67 -11.31 6.24
C ILE A 141 -2.85 -10.17 5.64
N SER A 142 -2.47 -10.29 4.36
CA SER A 142 -1.76 -9.21 3.69
C SER A 142 -2.59 -7.93 3.73
N ALA A 143 -3.88 -8.05 3.44
CA ALA A 143 -4.77 -6.90 3.37
C ALA A 143 -4.96 -6.29 4.75
N ARG A 144 -4.99 -7.14 5.78
CA ARG A 144 -5.19 -6.69 7.15
C ARG A 144 -3.97 -5.90 7.59
N ASN A 145 -2.80 -6.46 7.31
CA ASN A 145 -1.52 -5.87 7.72
C ASN A 145 -1.22 -4.60 6.93
N ASN A 146 -1.61 -4.56 5.67
CA ASN A 146 -1.21 -3.46 4.80
C ASN A 146 -2.45 -2.86 4.13
N PRO A 147 -3.11 -1.89 4.81
CA PRO A 147 -4.34 -1.31 4.28
C PRO A 147 -4.23 -0.54 2.96
N SER A 148 -3.01 -0.26 2.50
CA SER A 148 -2.82 0.48 1.26
C SER A 148 -2.97 -0.43 0.03
N ILE A 149 -2.98 -1.76 0.23
CA ILE A 149 -3.38 -2.68 -0.83
C ILE A 149 -4.75 -2.28 -1.38
N LYS A 150 -4.91 -2.34 -2.71
CA LYS A 150 -6.11 -1.79 -3.35
C LYS A 150 -7.26 -2.81 -3.39
N ALA A 151 -6.91 -4.10 -3.43
CA ALA A 151 -7.89 -5.17 -3.60
C ALA A 151 -7.37 -6.55 -3.16
N ALA A 152 -8.34 -7.35 -2.69
CA ALA A 152 -8.11 -8.75 -2.34
C ALA A 152 -9.22 -9.63 -2.93
N ALA A 153 -8.81 -10.74 -3.52
CA ALA A 153 -9.76 -11.70 -4.05
C ALA A 153 -9.24 -13.12 -3.78
N PRO A 154 -9.22 -13.59 -2.50
CA PRO A 154 -8.81 -14.97 -2.20
C PRO A 154 -9.90 -15.96 -2.59
N GLN A 155 -9.52 -17.26 -2.74
CA GLN A 155 -10.47 -18.32 -3.12
C GLN A 155 -10.35 -19.47 -2.13
N ALA A 156 -11.51 -19.98 -1.67
CA ALA A 156 -11.58 -21.04 -0.70
C ALA A 156 -10.59 -20.79 0.43
N PRO A 157 -10.61 -19.60 1.07
CA PRO A 157 -9.57 -19.22 2.02
C PRO A 157 -9.60 -20.09 3.27
N TRP A 158 -8.40 -20.43 3.74
CA TRP A 158 -8.13 -21.08 5.01
C TRP A 158 -7.27 -20.12 5.85
N SER A 159 -7.69 -19.90 7.11
CA SER A 159 -6.95 -19.05 8.04
C SER A 159 -7.33 -19.42 9.46
N ALA A 160 -6.32 -19.49 10.35
CA ALA A 160 -6.57 -19.72 11.77
C ALA A 160 -6.93 -18.38 12.44
N SER A 161 -6.46 -17.27 11.85
CA SER A 161 -6.95 -15.94 12.18
C SER A 161 -8.34 -15.73 11.56
N LYS A 162 -9.32 -15.40 12.39
CA LYS A 162 -10.71 -15.35 11.97
C LYS A 162 -11.22 -13.91 11.88
N ASN A 163 -10.53 -12.96 12.53
CA ASN A 163 -11.05 -11.60 12.69
C ASN A 163 -10.45 -10.67 11.66
N PHE A 164 -11.25 -10.30 10.66
CA PHE A 164 -10.86 -9.34 9.64
C PHE A 164 -11.74 -8.11 9.74
N SER A 165 -12.16 -7.76 10.97
CA SER A 165 -12.96 -6.56 11.21
C SER A 165 -12.20 -5.27 10.84
N SER A 166 -10.87 -5.33 10.77
CA SER A 166 -10.09 -4.14 10.53
CA SER A 166 -10.08 -4.13 10.53
C SER A 166 -9.99 -3.84 9.03
N LEU A 167 -10.48 -4.76 8.18
CA LEU A 167 -10.21 -4.59 6.77
C LEU A 167 -10.91 -3.37 6.22
N THR A 168 -10.15 -2.51 5.50
CA THR A 168 -10.75 -1.48 4.67
C THR A 168 -10.46 -1.76 3.19
N VAL A 169 -9.72 -2.82 2.91
CA VAL A 169 -9.35 -3.20 1.57
C VAL A 169 -10.55 -3.89 0.90
N PRO A 170 -11.01 -3.42 -0.29
CA PRO A 170 -12.09 -4.10 -1.00
C PRO A 170 -11.76 -5.59 -1.20
N THR A 171 -12.63 -6.47 -0.69
CA THR A 171 -12.37 -7.91 -0.70
C THR A 171 -13.56 -8.68 -1.29
N LEU A 172 -13.25 -9.46 -2.34
CA LEU A 172 -14.11 -10.48 -2.91
C LEU A 172 -13.65 -11.82 -2.36
N ILE A 173 -14.53 -12.51 -1.63
CA ILE A 173 -14.22 -13.88 -1.23
C ILE A 173 -14.94 -14.83 -2.18
N ILE A 174 -14.14 -15.61 -2.91
CA ILE A 174 -14.64 -16.74 -3.67
C ILE A 174 -14.69 -17.96 -2.76
N ALA A 175 -15.85 -18.64 -2.70
CA ALA A 175 -16.02 -19.78 -1.81
C ALA A 175 -16.56 -20.97 -2.58
N CYS A 176 -16.39 -22.17 -2.02
CA CYS A 176 -16.76 -23.44 -2.63
C CYS A 176 -17.74 -24.19 -1.69
N GLU A 177 -18.99 -24.30 -2.10
CA GLU A 177 -20.09 -24.69 -1.23
C GLU A 177 -19.74 -25.93 -0.41
N ASN A 178 -19.21 -26.96 -1.07
CA ASN A 178 -19.00 -28.24 -0.43
C ASN A 178 -17.56 -28.44 0.04
N ASP A 179 -16.84 -27.35 0.28
CA ASP A 179 -15.45 -27.40 0.68
C ASP A 179 -15.31 -28.19 1.97
N THR A 180 -14.44 -29.20 1.99
CA THR A 180 -14.25 -30.03 3.17
C THR A 180 -12.86 -29.81 3.77
N ILE A 181 -12.10 -28.86 3.23
CA ILE A 181 -10.74 -28.59 3.64
C ILE A 181 -10.74 -27.25 4.36
N ALA A 182 -11.36 -26.24 3.73
CA ALA A 182 -11.53 -24.92 4.31
C ALA A 182 -13.02 -24.70 4.36
N PRO A 183 -13.74 -25.48 5.22
CA PRO A 183 -15.19 -25.47 5.25
C PRO A 183 -15.66 -24.02 5.33
N VAL A 184 -16.64 -23.69 4.51
CA VAL A 184 -17.13 -22.33 4.39
C VAL A 184 -17.54 -21.76 5.74
N ASN A 185 -18.28 -22.51 6.56
CA ASN A 185 -18.80 -21.80 7.73
C ASN A 185 -17.75 -21.74 8.84
N GLN A 186 -16.56 -22.29 8.64
CA GLN A 186 -15.48 -22.19 9.62
C GLN A 186 -14.42 -21.17 9.14
N HIS A 187 -14.40 -20.91 7.82
CA HIS A 187 -13.40 -20.07 7.17
C HIS A 187 -14.12 -18.93 6.42
N ALA A 188 -14.45 -19.13 5.13
CA ALA A 188 -14.96 -18.03 4.30
C ALA A 188 -16.11 -17.27 4.97
N ASP A 189 -17.15 -17.95 5.52
CA ASP A 189 -18.26 -17.24 6.16
C ASP A 189 -17.75 -16.40 7.31
N THR A 190 -16.92 -16.97 8.17
CA THR A 190 -16.44 -16.24 9.33
C THR A 190 -15.67 -15.00 8.91
N PHE A 191 -14.79 -15.16 7.92
CA PHE A 191 -13.97 -14.03 7.47
C PHE A 191 -14.89 -12.90 7.00
N TYR A 192 -15.85 -13.25 6.14
CA TYR A 192 -16.74 -12.27 5.52
C TYR A 192 -17.58 -11.58 6.58
N ASP A 193 -18.07 -12.35 7.55
CA ASP A 193 -19.00 -11.82 8.52
C ASP A 193 -18.27 -10.91 9.53
N SER A 194 -16.94 -11.03 9.63
CA SER A 194 -16.19 -10.13 10.49
C SER A 194 -16.05 -8.73 9.88
N MET A 195 -16.20 -8.60 8.57
CA MET A 195 -15.94 -7.36 7.87
C MET A 195 -17.11 -6.42 7.99
N SER A 196 -16.82 -5.12 8.07
CA SER A 196 -17.84 -4.09 8.04
C SER A 196 -17.39 -2.76 7.45
N ARG A 197 -16.08 -2.49 7.27
CA ARG A 197 -15.64 -1.17 6.85
C ARG A 197 -15.21 -1.15 5.37
N ASN A 198 -15.39 -2.25 4.63
CA ASN A 198 -14.79 -2.37 3.30
C ASN A 198 -15.82 -2.76 2.25
N PRO A 199 -15.69 -2.29 1.00
CA PRO A 199 -16.47 -2.89 -0.10
C PRO A 199 -16.14 -4.37 -0.06
N ARG A 200 -17.14 -5.24 -0.24
CA ARG A 200 -16.88 -6.65 -0.11
C ARG A 200 -18.00 -7.45 -0.79
N GLU A 201 -17.65 -8.69 -1.17
CA GLU A 201 -18.55 -9.56 -1.90
C GLU A 201 -18.19 -11.02 -1.56
N PHE A 202 -19.21 -11.87 -1.59
CA PHE A 202 -19.07 -13.27 -1.25
C PHE A 202 -19.71 -14.05 -2.39
N LEU A 203 -18.91 -14.88 -3.06
CA LEU A 203 -19.36 -15.55 -4.28
C LEU A 203 -19.07 -17.03 -4.10
N GLU A 204 -20.12 -17.83 -3.90
CA GLU A 204 -19.95 -19.20 -3.50
C GLU A 204 -20.46 -20.07 -4.64
N ILE A 205 -19.56 -20.88 -5.19
CA ILE A 205 -19.85 -21.81 -6.27
C ILE A 205 -20.66 -23.02 -5.76
N ASN A 206 -21.79 -23.22 -6.43
CA ASN A 206 -22.74 -24.29 -6.16
C ASN A 206 -22.03 -25.64 -6.22
N ASN A 207 -22.12 -26.41 -5.12
CA ASN A 207 -21.55 -27.74 -4.99
C ASN A 207 -20.04 -27.77 -5.23
N GLY A 208 -19.36 -26.63 -5.07
CA GLY A 208 -17.92 -26.59 -5.28
C GLY A 208 -17.18 -27.44 -4.26
N SER A 209 -16.18 -28.20 -4.76
CA SER A 209 -15.19 -28.77 -3.88
C SER A 209 -14.16 -27.68 -3.60
N HIS A 210 -13.18 -28.04 -2.76
CA HIS A 210 -12.13 -27.13 -2.35
C HIS A 210 -11.39 -26.48 -3.52
N SER A 211 -11.35 -27.20 -4.67
CA SER A 211 -10.59 -26.72 -5.81
C SER A 211 -11.47 -25.99 -6.85
N CYS A 212 -12.64 -25.51 -6.43
CA CYS A 212 -13.65 -25.03 -7.38
C CYS A 212 -13.22 -23.80 -8.22
N ALA A 213 -12.19 -23.05 -7.77
CA ALA A 213 -11.69 -21.87 -8.48
C ALA A 213 -10.26 -22.05 -9.01
N ASN A 214 -9.75 -23.27 -9.07
CA ASN A 214 -8.36 -23.54 -9.42
C ASN A 214 -8.25 -23.67 -10.94
N SER A 215 -7.03 -23.81 -11.44
CA SER A 215 -6.81 -23.94 -12.88
C SER A 215 -7.60 -25.17 -13.38
N GLY A 216 -8.24 -25.05 -14.54
CA GLY A 216 -9.00 -26.15 -15.13
C GLY A 216 -10.45 -26.21 -14.67
N ASN A 217 -10.88 -25.26 -13.81
CA ASN A 217 -12.24 -25.32 -13.25
C ASN A 217 -13.27 -25.06 -14.36
N SER A 218 -14.53 -25.45 -14.08
CA SER A 218 -15.57 -25.40 -15.10
CA SER A 218 -15.60 -25.42 -15.07
C SER A 218 -16.33 -24.08 -15.05
N ASN A 219 -15.87 -23.12 -14.23
CA ASN A 219 -16.55 -21.84 -14.07
C ASN A 219 -15.63 -20.65 -14.34
N GLN A 220 -14.75 -20.74 -15.36
CA GLN A 220 -13.84 -19.64 -15.65
C GLN A 220 -14.61 -18.42 -16.21
N ALA A 221 -15.73 -18.67 -16.90
CA ALA A 221 -16.46 -17.56 -17.48
C ALA A 221 -16.93 -16.68 -16.32
N LEU A 222 -17.58 -17.29 -15.32
CA LEU A 222 -18.09 -16.50 -14.20
C LEU A 222 -16.97 -15.98 -13.29
N LEU A 223 -16.06 -16.85 -12.86
CA LEU A 223 -15.02 -16.49 -11.91
C LEU A 223 -14.06 -15.46 -12.52
N GLY A 224 -13.68 -15.65 -13.79
CA GLY A 224 -12.83 -14.70 -14.47
C GLY A 224 -13.49 -13.34 -14.65
N LYS A 225 -14.78 -13.31 -15.00
CA LYS A 225 -15.52 -12.05 -15.08
C LYS A 225 -15.47 -11.34 -13.72
N LYS A 226 -15.73 -12.08 -12.63
CA LYS A 226 -15.84 -11.45 -11.33
C LYS A 226 -14.48 -10.98 -10.82
N GLY A 227 -13.44 -11.83 -10.95
CA GLY A 227 -12.11 -11.48 -10.51
C GLY A 227 -11.54 -10.27 -11.26
N VAL A 228 -11.60 -10.33 -12.59
CA VAL A 228 -11.18 -9.17 -13.38
C VAL A 228 -11.98 -7.92 -13.02
N ALA A 229 -13.30 -8.00 -12.94
CA ALA A 229 -14.14 -6.84 -12.62
C ALA A 229 -13.79 -6.24 -11.27
N TRP A 230 -13.56 -7.09 -10.28
CA TRP A 230 -13.20 -6.64 -8.95
C TRP A 230 -11.85 -5.90 -8.99
N MET A 231 -10.84 -6.53 -9.58
CA MET A 231 -9.51 -5.89 -9.69
C MET A 231 -9.57 -4.60 -10.51
N LYS A 232 -10.33 -4.56 -11.59
CA LYS A 232 -10.51 -3.31 -12.33
C LYS A 232 -11.16 -2.22 -11.46
N ARG A 233 -12.30 -2.54 -10.83
CA ARG A 233 -13.03 -1.53 -10.07
C ARG A 233 -12.16 -0.96 -8.96
N PHE A 234 -11.37 -1.79 -8.26
CA PHE A 234 -10.76 -1.35 -7.03
C PHE A 234 -9.27 -1.03 -7.20
N MET A 235 -8.58 -1.78 -8.06
CA MET A 235 -7.17 -1.49 -8.33
C MET A 235 -7.02 -0.29 -9.27
N ASP A 236 -7.94 -0.10 -10.22
CA ASP A 236 -7.88 0.99 -11.20
C ASP A 236 -8.90 2.09 -10.90
N ASN A 237 -9.68 1.93 -9.81
CA ASN A 237 -10.72 2.89 -9.48
C ASN A 237 -11.68 3.05 -10.67
N ASP A 238 -11.89 1.97 -11.44
CA ASP A 238 -12.46 2.05 -12.78
C ASP A 238 -13.96 1.82 -12.63
N ARG A 239 -14.69 2.95 -12.68
CA ARG A 239 -16.11 2.92 -12.42
C ARG A 239 -16.88 2.21 -13.51
N ARG A 240 -16.27 2.06 -14.70
CA ARG A 240 -16.89 1.28 -15.75
C ARG A 240 -17.12 -0.16 -15.27
N TYR A 241 -16.47 -0.62 -14.18
CA TYR A 241 -16.63 -2.00 -13.74
C TYR A 241 -17.49 -2.15 -12.47
N THR A 242 -18.10 -1.06 -11.98
CA THR A 242 -18.89 -1.12 -10.76
C THR A 242 -19.99 -2.19 -10.88
N SER A 243 -20.78 -2.16 -11.96
CA SER A 243 -21.91 -3.07 -12.04
C SER A 243 -21.40 -4.50 -12.11
N PHE A 244 -20.38 -4.74 -12.94
CA PHE A 244 -19.81 -6.07 -13.07
C PHE A 244 -19.26 -6.54 -11.72
N ALA A 245 -18.61 -5.65 -10.97
CA ALA A 245 -17.99 -6.04 -9.71
C ALA A 245 -19.06 -6.29 -8.66
N CYS A 246 -20.09 -5.43 -8.62
CA CYS A 246 -20.99 -5.32 -7.47
C CYS A 246 -22.28 -6.13 -7.63
N SER A 247 -22.63 -6.49 -8.86
CA SER A 247 -23.92 -7.12 -9.15
C SER A 247 -23.97 -8.58 -8.74
N ASN A 248 -25.20 -9.01 -8.40
CA ASN A 248 -25.54 -10.43 -8.31
C ASN A 248 -25.42 -11.02 -9.70
N PRO A 249 -24.57 -12.05 -9.92
CA PRO A 249 -24.51 -12.68 -11.23
C PRO A 249 -25.81 -13.41 -11.58
N ASN A 250 -26.69 -13.67 -10.60
CA ASN A 250 -27.89 -14.49 -10.73
C ASN A 250 -27.60 -15.71 -11.60
N SER A 251 -26.74 -16.59 -11.08
CA SER A 251 -26.34 -17.82 -11.74
C SER A 251 -26.75 -19.00 -10.87
N TYR A 252 -27.24 -20.09 -11.49
CA TYR A 252 -27.53 -21.31 -10.76
C TYR A 252 -26.23 -21.94 -10.23
N ASN A 253 -25.07 -21.63 -10.84
CA ASN A 253 -23.79 -22.13 -10.37
C ASN A 253 -23.29 -21.39 -9.13
N VAL A 254 -24.05 -20.38 -8.68
CA VAL A 254 -23.79 -19.68 -7.44
C VAL A 254 -24.82 -20.09 -6.39
N SER A 255 -24.38 -20.79 -5.33
CA SER A 255 -25.26 -21.25 -4.27
C SER A 255 -25.50 -20.13 -3.26
N ASP A 256 -24.57 -19.15 -3.19
CA ASP A 256 -24.76 -18.06 -2.24
C ASP A 256 -24.00 -16.85 -2.73
N PHE A 257 -24.70 -15.70 -2.78
CA PHE A 257 -24.14 -14.41 -3.15
C PHE A 257 -24.46 -13.41 -2.03
N ARG A 258 -23.44 -12.63 -1.66
CA ARG A 258 -23.58 -11.54 -0.72
C ARG A 258 -22.74 -10.37 -1.21
N VAL A 259 -23.17 -9.15 -0.88
CA VAL A 259 -22.39 -7.97 -1.25
C VAL A 259 -22.73 -6.86 -0.27
N ALA A 260 -21.75 -5.99 0.02
CA ALA A 260 -22.00 -4.82 0.85
C ALA A 260 -21.02 -3.69 0.51
N ALA A 261 -21.53 -2.44 0.57
CA ALA A 261 -20.69 -1.26 0.45
C ALA A 261 -19.92 -1.27 -0.88
N CYS A 262 -20.55 -1.78 -1.95
CA CYS A 262 -19.99 -1.86 -3.29
C CYS A 262 -20.77 -0.87 -4.15
N ASN A 263 -20.17 0.32 -4.37
CA ASN A 263 -20.89 1.56 -4.63
C ASN A 263 -22.27 1.53 -3.96
N GLN B 1 -8.38 19.00 -13.00
CA GLN B 1 -7.14 19.19 -13.81
C GLN B 1 -6.39 17.85 -13.87
N THR B 2 -7.02 16.91 -14.59
CA THR B 2 -6.44 15.67 -15.08
C THR B 2 -5.99 14.71 -13.96
N ASN B 3 -5.33 15.20 -12.91
CA ASN B 3 -4.94 14.36 -11.77
C ASN B 3 -6.02 14.51 -10.69
N PRO B 4 -6.81 13.46 -10.41
CA PRO B 4 -7.92 13.57 -9.47
C PRO B 4 -7.50 13.77 -8.01
N TYR B 5 -6.19 13.68 -7.73
CA TYR B 5 -5.73 13.77 -6.35
C TYR B 5 -5.23 15.17 -6.00
N GLU B 6 -5.12 16.06 -7.00
CA GLU B 6 -4.67 17.42 -6.74
C GLU B 6 -5.63 18.08 -5.75
N ARG B 7 -5.05 18.69 -4.72
CA ARG B 7 -5.77 19.47 -3.73
C ARG B 7 -5.04 20.82 -3.60
N GLY B 8 -5.81 21.89 -3.44
CA GLY B 8 -5.22 23.19 -3.14
C GLY B 8 -4.63 23.86 -4.38
N PRO B 9 -4.28 25.17 -4.29
CA PRO B 9 -3.78 25.92 -5.45
C PRO B 9 -2.30 25.67 -5.66
N ALA B 10 -1.79 26.26 -6.74
CA ALA B 10 -0.40 26.04 -7.15
C ALA B 10 0.54 26.50 -6.02
N PRO B 11 1.56 25.70 -5.63
CA PRO B 11 2.43 26.08 -4.52
C PRO B 11 3.40 27.19 -4.92
N THR B 12 3.89 27.93 -3.92
CA THR B 12 4.99 28.89 -4.08
C THR B 12 6.01 28.63 -2.99
N THR B 13 7.22 29.20 -3.13
CA THR B 13 8.19 29.07 -2.06
C THR B 13 7.60 29.55 -0.73
N SER B 14 6.91 30.70 -0.77
CA SER B 14 6.46 31.23 0.50
C SER B 14 5.24 30.43 1.01
N SER B 15 4.37 29.92 0.12
CA SER B 15 3.23 29.15 0.60
C SER B 15 3.69 27.85 1.26
N LEU B 16 4.86 27.32 0.82
CA LEU B 16 5.38 26.07 1.38
C LEU B 16 6.23 26.31 2.63
N GLU B 17 6.83 27.50 2.73
CA GLU B 17 7.64 27.86 3.90
C GLU B 17 6.77 28.36 5.06
N ALA B 18 5.54 28.80 4.75
CA ALA B 18 4.54 29.22 5.72
C ALA B 18 4.30 28.15 6.78
N SER B 19 3.80 28.61 7.95
CA SER B 19 3.48 27.66 9.00
C SER B 19 2.39 26.69 8.53
N ARG B 20 1.45 27.25 7.75
CA ARG B 20 0.16 26.64 7.43
C ARG B 20 -0.15 26.80 5.93
N GLY B 21 -0.59 25.68 5.36
CA GLY B 21 -1.11 25.58 4.01
C GLY B 21 -2.51 26.18 3.91
N PRO B 22 -3.22 25.93 2.77
CA PRO B 22 -4.47 26.64 2.50
C PRO B 22 -5.67 26.10 3.27
N PHE B 23 -5.53 25.01 4.04
CA PHE B 23 -6.70 24.37 4.62
C PHE B 23 -6.69 24.56 6.14
N SER B 24 -7.88 24.85 6.68
CA SER B 24 -8.17 24.76 8.10
C SER B 24 -7.98 23.33 8.56
N TYR B 25 -7.45 23.12 9.75
CA TYR B 25 -7.25 21.81 10.31
C TYR B 25 -7.85 21.77 11.72
N GLN B 26 -8.31 20.57 12.10
CA GLN B 26 -8.70 20.24 13.46
C GLN B 26 -7.98 18.97 13.88
N SER B 27 -8.21 18.52 15.13
CA SER B 27 -7.59 17.29 15.60
C SER B 27 -8.50 16.65 16.63
N PHE B 28 -8.34 15.33 16.82
CA PHE B 28 -8.88 14.62 17.97
C PHE B 28 -7.92 13.51 18.43
N THR B 29 -8.16 13.05 19.66
CA THR B 29 -7.54 11.91 20.30
C THR B 29 -8.32 10.65 19.92
N VAL B 30 -7.60 9.56 19.64
CA VAL B 30 -8.22 8.28 19.32
C VAL B 30 -8.71 7.69 20.63
N SER B 31 -10.00 7.29 20.66
CA SER B 31 -10.63 6.80 21.88
C SER B 31 -10.07 5.45 22.31
N ARG B 32 -10.04 4.52 21.36
CA ARG B 32 -9.64 3.16 21.66
C ARG B 32 -8.54 2.77 20.68
N PRO B 33 -7.30 3.26 20.89
CA PRO B 33 -6.23 2.97 19.95
C PRO B 33 -6.06 1.46 19.88
N SER B 34 -5.88 0.97 18.66
CA SER B 34 -5.79 -0.46 18.40
C SER B 34 -4.42 -0.83 17.84
N GLY B 35 -3.60 -1.50 18.66
CA GLY B 35 -2.27 -1.91 18.23
C GLY B 35 -1.15 -0.89 18.51
N TYR B 36 -1.45 0.21 19.21
CA TYR B 36 -0.48 1.19 19.66
C TYR B 36 -1.08 1.87 20.89
N ARG B 37 -0.33 2.73 21.57
CA ARG B 37 -0.74 3.21 22.87
C ARG B 37 -1.70 4.40 22.79
N ALA B 38 -1.41 5.40 21.96
CA ALA B 38 -2.28 6.57 21.86
C ALA B 38 -2.08 7.23 20.53
N GLY B 39 -3.00 8.10 20.12
CA GLY B 39 -2.87 8.76 18.83
C GLY B 39 -3.67 10.05 18.76
N THR B 40 -3.06 11.06 18.11
CA THR B 40 -3.75 12.28 17.76
C THR B 40 -3.83 12.33 16.24
N VAL B 41 -5.04 12.55 15.74
CA VAL B 41 -5.36 12.65 14.33
C VAL B 41 -5.65 14.12 14.02
N TYR B 42 -4.83 14.64 13.08
CA TYR B 42 -4.95 15.96 12.52
C TYR B 42 -5.54 15.80 11.13
N TYR B 43 -6.51 16.65 10.79
CA TYR B 43 -7.14 16.54 9.50
C TYR B 43 -7.60 17.91 9.00
N PRO B 44 -7.64 18.11 7.67
CA PRO B 44 -8.22 19.29 7.07
C PRO B 44 -9.73 19.22 7.09
N THR B 45 -10.38 20.32 7.42
CA THR B 45 -11.84 20.33 7.46
C THR B 45 -12.40 20.49 6.05
N ASN B 46 -11.62 21.01 5.11
CA ASN B 46 -12.16 21.62 3.91
C ASN B 46 -11.26 21.38 2.69
N ALA B 47 -10.61 20.19 2.57
CA ALA B 47 -9.60 19.94 1.55
C ALA B 47 -10.18 19.85 0.13
N GLY B 48 -11.51 19.69 0.03
CA GLY B 48 -12.19 19.62 -1.26
C GLY B 48 -12.17 18.21 -1.86
N GLY B 49 -11.83 17.19 -1.07
CA GLY B 49 -11.89 15.81 -1.52
C GLY B 49 -11.08 14.93 -0.59
N PRO B 50 -11.12 13.60 -0.76
CA PRO B 50 -10.33 12.71 0.08
C PRO B 50 -8.85 13.01 -0.07
N VAL B 51 -8.10 12.74 0.99
CA VAL B 51 -6.68 13.01 1.05
C VAL B 51 -6.03 11.76 1.61
N GLY B 52 -4.71 11.67 1.41
CA GLY B 52 -3.96 10.52 1.88
C GLY B 52 -3.69 10.64 3.37
N ALA B 53 -3.19 9.55 3.98
CA ALA B 53 -3.01 9.54 5.42
C ALA B 53 -1.53 9.22 5.73
N ILE B 54 -0.99 9.88 6.74
CA ILE B 54 0.40 9.72 7.15
C ILE B 54 0.43 9.39 8.65
N ALA B 55 1.21 8.38 9.02
CA ALA B 55 1.42 7.98 10.39
C ALA B 55 2.86 8.29 10.78
N ILE B 56 3.02 8.96 11.93
CA ILE B 56 4.31 9.49 12.36
C ILE B 56 4.61 8.92 13.74
N VAL B 57 5.79 8.32 13.88
CA VAL B 57 6.22 7.66 15.09
C VAL B 57 7.42 8.40 15.72
N PRO B 58 7.38 8.58 17.06
CA PRO B 58 8.51 9.15 17.80
C PRO B 58 9.71 8.20 17.86
N GLY B 59 10.76 8.72 18.49
CA GLY B 59 11.97 7.95 18.73
C GLY B 59 11.92 7.20 20.05
N PHE B 60 13.00 6.46 20.29
CA PHE B 60 13.20 5.72 21.53
C PHE B 60 13.01 6.63 22.73
N THR B 61 12.10 6.25 23.64
CA THR B 61 11.81 6.95 24.90
C THR B 61 11.02 8.24 24.70
N ALA B 62 10.61 8.51 23.46
CA ALA B 62 9.92 9.76 23.16
C ALA B 62 8.43 9.49 22.93
N ARG B 63 7.72 10.62 22.84
CA ARG B 63 6.28 10.67 22.69
C ARG B 63 5.88 11.61 21.57
N GLN B 64 4.58 11.79 21.42
CA GLN B 64 4.04 12.53 20.28
C GLN B 64 4.63 13.93 20.16
N SER B 65 4.94 14.53 21.31
CA SER B 65 5.47 15.88 21.42
CA SER B 65 5.44 15.90 21.38
C SER B 65 6.71 16.08 20.54
N SER B 66 7.55 15.05 20.43
CA SER B 66 8.80 15.16 19.70
C SER B 66 8.57 15.40 18.18
N ILE B 67 7.44 14.87 17.64
CA ILE B 67 7.26 14.86 16.20
C ILE B 67 5.95 15.50 15.73
N ASN B 68 5.13 16.00 16.64
CA ASN B 68 3.76 16.39 16.29
C ASN B 68 3.69 17.75 15.59
N TRP B 69 4.77 18.55 15.51
CA TRP B 69 4.70 19.75 14.66
C TRP B 69 4.28 19.43 13.22
N TRP B 70 4.57 18.20 12.80
CA TRP B 70 4.23 17.75 11.46
C TRP B 70 2.72 17.66 11.26
N GLY B 71 1.99 17.45 12.38
CA GLY B 71 0.55 17.23 12.32
C GLY B 71 -0.18 18.40 11.70
N PRO B 72 -0.14 19.59 12.32
CA PRO B 72 -0.72 20.78 11.69
C PRO B 72 -0.13 21.13 10.34
N ARG B 73 1.21 21.00 10.24
CA ARG B 73 1.92 21.45 9.04
C ARG B 73 1.38 20.71 7.81
N LEU B 74 1.32 19.38 7.90
CA LEU B 74 0.87 18.56 6.78
C LEU B 74 -0.66 18.60 6.64
N ALA B 75 -1.39 18.55 7.76
CA ALA B 75 -2.85 18.55 7.67
C ALA B 75 -3.35 19.81 6.93
N SER B 76 -2.72 20.97 7.18
CA SER B 76 -3.12 22.24 6.60
C SER B 76 -2.87 22.29 5.09
N HIS B 77 -2.11 21.30 4.57
CA HIS B 77 -1.86 21.21 3.14
C HIS B 77 -2.68 20.08 2.50
N GLY B 78 -3.52 19.37 3.27
CA GLY B 78 -4.42 18.36 2.70
C GLY B 78 -3.92 16.93 2.92
N PHE B 79 -3.77 16.55 4.19
CA PHE B 79 -3.43 15.19 4.59
C PHE B 79 -4.07 14.95 5.94
N VAL B 80 -4.41 13.69 6.20
CA VAL B 80 -4.84 13.29 7.51
C VAL B 80 -3.60 12.68 8.14
N VAL B 81 -3.23 13.15 9.35
CA VAL B 81 -1.99 12.75 10.01
C VAL B 81 -2.29 12.19 11.39
N ILE B 82 -1.75 11.01 11.67
CA ILE B 82 -1.80 10.45 13.02
C ILE B 82 -0.39 10.41 13.61
N THR B 83 -0.27 11.07 14.77
CA THR B 83 0.94 10.99 15.58
C THR B 83 0.67 10.00 16.70
N ILE B 84 1.53 9.00 16.88
CA ILE B 84 1.26 7.99 17.87
C ILE B 84 2.26 7.99 19.00
N ASP B 85 1.80 7.40 20.11
CA ASP B 85 2.65 6.88 21.17
C ASP B 85 2.69 5.35 21.08
N THR B 86 3.88 4.81 21.36
CA THR B 86 4.12 3.39 21.18
C THR B 86 3.74 2.62 22.45
N ASN B 87 3.46 1.32 22.26
CA ASN B 87 3.04 0.45 23.35
C ASN B 87 3.99 0.63 24.53
N SER B 88 5.29 0.61 24.25
CA SER B 88 6.31 1.02 25.21
C SER B 88 7.24 2.02 24.51
N THR B 89 7.73 2.97 25.30
CA THR B 89 8.65 3.96 24.77
C THR B 89 9.98 3.29 24.41
N LEU B 90 10.20 2.07 24.92
CA LEU B 90 11.42 1.32 24.65
C LEU B 90 11.30 0.43 23.41
N ASP B 91 10.19 0.49 22.68
CA ASP B 91 9.98 -0.37 21.51
C ASP B 91 11.04 -0.08 20.45
N GLN B 92 11.45 -1.13 19.73
CA GLN B 92 12.51 -1.03 18.73
C GLN B 92 11.90 -0.81 17.34
N PRO B 93 12.69 -0.59 16.28
CA PRO B 93 12.13 -0.21 14.97
C PRO B 93 11.13 -1.15 14.31
N ASP B 94 11.31 -2.48 14.47
CA ASP B 94 10.39 -3.42 13.84
C ASP B 94 9.01 -3.32 14.48
N SER B 95 9.02 -3.23 15.82
CA SER B 95 7.81 -3.04 16.61
C SER B 95 7.13 -1.72 16.25
N ARG B 96 7.94 -0.69 16.08
CA ARG B 96 7.40 0.59 15.70
C ARG B 96 6.76 0.55 14.31
N SER B 97 7.33 -0.24 13.37
CA SER B 97 6.76 -0.36 12.04
C SER B 97 5.36 -0.98 12.13
N ARG B 98 5.24 -2.04 12.93
CA ARG B 98 3.96 -2.71 13.09
C ARG B 98 2.92 -1.73 13.63
N GLN B 99 3.32 -0.94 14.64
CA GLN B 99 2.43 0.01 15.30
C GLN B 99 2.07 1.14 14.32
N GLN B 100 3.03 1.53 13.50
CA GLN B 100 2.80 2.52 12.46
C GLN B 100 1.72 2.03 11.48
N MET B 101 1.83 0.78 11.04
CA MET B 101 0.85 0.23 10.11
C MET B 101 -0.52 0.07 10.78
N ALA B 102 -0.52 -0.37 12.06
CA ALA B 102 -1.74 -0.48 12.84
C ALA B 102 -2.40 0.89 12.93
N ALA B 103 -1.60 1.95 13.13
CA ALA B 103 -2.19 3.27 13.22
C ALA B 103 -2.85 3.68 11.92
N LEU B 104 -2.18 3.38 10.80
CA LEU B 104 -2.76 3.65 9.50
C LEU B 104 -4.06 2.84 9.33
N SER B 105 -4.06 1.56 9.75
CA SER B 105 -5.24 0.72 9.66
C SER B 105 -6.41 1.37 10.40
N GLN B 106 -6.14 1.94 11.58
CA GLN B 106 -7.22 2.51 12.38
C GLN B 106 -7.63 3.86 11.81
N VAL B 107 -6.70 4.65 11.29
CA VAL B 107 -7.14 5.83 10.56
C VAL B 107 -8.13 5.41 9.47
N ALA B 108 -7.83 4.31 8.77
CA ALA B 108 -8.65 3.88 7.66
C ALA B 108 -10.05 3.50 8.15
N THR B 109 -10.11 2.67 9.21
CA THR B 109 -11.41 2.25 9.71
C THR B 109 -12.18 3.45 10.23
N LEU B 110 -11.48 4.41 10.88
CA LEU B 110 -12.19 5.56 11.39
C LEU B 110 -12.77 6.36 10.23
N SER B 111 -12.05 6.43 9.10
CA SER B 111 -12.54 7.17 7.95
C SER B 111 -13.75 6.48 7.34
N ARG B 112 -14.00 5.22 7.72
CA ARG B 112 -15.19 4.48 7.30
C ARG B 112 -16.20 4.37 8.41
N THR B 113 -16.03 5.17 9.48
CA THR B 113 -16.91 5.14 10.63
C THR B 113 -17.67 6.45 10.64
N SER B 114 -18.99 6.35 10.54
CA SER B 114 -19.88 7.50 10.46
C SER B 114 -19.72 8.47 11.63
N SER B 115 -19.38 8.00 12.85
CA SER B 115 -19.21 8.86 14.02
CA SER B 115 -19.25 8.91 13.99
C SER B 115 -17.95 9.72 13.92
N SER B 116 -16.99 9.34 13.06
CA SER B 116 -15.66 9.95 13.13
C SER B 116 -15.59 11.30 12.43
N PRO B 117 -14.82 12.26 12.98
CA PRO B 117 -14.54 13.50 12.26
C PRO B 117 -13.90 13.32 10.88
N ILE B 118 -13.22 12.20 10.65
CA ILE B 118 -12.58 12.01 9.34
C ILE B 118 -13.38 11.07 8.47
N TYR B 119 -14.67 10.88 8.78
CA TYR B 119 -15.53 10.06 7.94
C TYR B 119 -15.50 10.56 6.50
N ASN B 120 -15.15 9.65 5.57
CA ASN B 120 -15.02 9.94 4.15
C ASN B 120 -13.91 10.93 3.80
N LYS B 121 -12.97 11.21 4.71
CA LYS B 121 -11.95 12.22 4.44
C LYS B 121 -10.66 11.61 3.87
N VAL B 122 -10.55 10.28 3.87
CA VAL B 122 -9.29 9.59 3.61
C VAL B 122 -9.41 8.68 2.39
N ASP B 123 -8.45 8.80 1.47
CA ASP B 123 -8.19 7.80 0.46
C ASP B 123 -7.23 6.78 1.06
N THR B 124 -7.80 5.64 1.50
CA THR B 124 -7.06 4.72 2.35
C THR B 124 -6.03 3.92 1.55
N SER B 125 -5.99 4.15 0.22
CA SER B 125 -5.01 3.55 -0.65
C SER B 125 -3.78 4.43 -0.80
N ARG B 126 -3.77 5.64 -0.20
CA ARG B 126 -2.66 6.54 -0.38
C ARG B 126 -2.06 6.90 0.98
N LEU B 127 -1.01 6.17 1.41
CA LEU B 127 -0.48 6.22 2.77
C LEU B 127 0.99 6.65 2.75
N GLY B 128 1.41 7.36 3.79
CA GLY B 128 2.79 7.78 4.01
C GLY B 128 3.26 7.45 5.42
N VAL B 129 4.59 7.40 5.58
CA VAL B 129 5.20 7.04 6.86
C VAL B 129 6.34 8.03 7.16
N MET B 130 6.33 8.50 8.41
CA MET B 130 7.34 9.41 8.90
C MET B 130 7.65 9.03 10.35
N GLY B 131 8.75 9.56 10.85
CA GLY B 131 9.10 9.31 12.24
C GLY B 131 10.57 9.62 12.53
N TRP B 132 10.87 9.71 13.83
CA TRP B 132 12.16 10.16 14.33
C TRP B 132 12.92 8.99 14.90
N SER B 133 14.18 8.89 14.51
CA SER B 133 15.11 7.94 15.10
C SER B 133 14.55 6.53 14.90
N MET B 134 14.30 5.76 15.97
CA MET B 134 13.81 4.40 15.77
C MET B 134 12.44 4.44 15.08
N GLY B 135 11.68 5.52 15.23
CA GLY B 135 10.43 5.67 14.50
C GLY B 135 10.67 5.91 13.00
N GLY B 136 11.83 6.51 12.71
CA GLY B 136 12.31 6.74 11.36
C GLY B 136 12.78 5.46 10.69
N GLY B 137 13.53 4.63 11.42
CA GLY B 137 13.87 3.31 10.96
C GLY B 137 12.63 2.44 10.74
N GLY B 138 11.69 2.55 11.68
CA GLY B 138 10.43 1.86 11.49
C GLY B 138 9.71 2.31 10.21
N SER B 139 9.82 3.60 9.83
CA SER B 139 9.21 4.07 8.60
C SER B 139 9.84 3.42 7.37
N LEU B 140 11.18 3.29 7.37
CA LEU B 140 11.88 2.60 6.29
C LEU B 140 11.43 1.14 6.22
N ILE B 141 11.34 0.51 7.40
CA ILE B 141 10.92 -0.88 7.51
C ILE B 141 9.48 -1.03 6.99
N SER B 142 8.61 -0.10 7.33
CA SER B 142 7.25 -0.13 6.81
C SER B 142 7.28 -0.07 5.29
N ALA B 143 8.09 0.82 4.74
CA ALA B 143 8.16 0.97 3.28
C ALA B 143 8.73 -0.28 2.61
N ARG B 144 9.70 -0.93 3.27
CA ARG B 144 10.34 -2.12 2.73
C ARG B 144 9.35 -3.27 2.69
N ASN B 145 8.61 -3.42 3.81
CA ASN B 145 7.65 -4.49 3.97
C ASN B 145 6.43 -4.27 3.07
N ASN B 146 6.03 -3.01 2.86
CA ASN B 146 4.76 -2.73 2.22
C ASN B 146 4.99 -1.76 1.05
N PRO B 147 5.37 -2.26 -0.14
CA PRO B 147 5.72 -1.39 -1.25
C PRO B 147 4.61 -0.50 -1.80
N SER B 148 3.35 -0.75 -1.40
CA SER B 148 2.23 0.04 -1.89
C SER B 148 2.13 1.40 -1.17
N ILE B 149 2.86 1.57 -0.06
CA ILE B 149 3.01 2.88 0.54
C ILE B 149 3.51 3.88 -0.49
N LYS B 150 2.99 5.11 -0.47
CA LYS B 150 3.21 6.07 -1.54
C LYS B 150 4.46 6.90 -1.29
N ALA B 151 4.78 7.09 0.01
CA ALA B 151 5.90 7.93 0.40
C ALA B 151 6.42 7.66 1.82
N ALA B 152 7.74 7.85 2.01
CA ALA B 152 8.40 7.83 3.31
C ALA B 152 9.28 9.07 3.49
N ALA B 153 9.22 9.65 4.69
CA ALA B 153 10.05 10.80 5.02
C ALA B 153 10.48 10.70 6.50
N PRO B 154 11.35 9.71 6.86
CA PRO B 154 11.85 9.59 8.24
C PRO B 154 12.88 10.67 8.54
N GLN B 155 13.13 10.95 9.83
CA GLN B 155 14.07 11.98 10.26
C GLN B 155 15.04 11.38 11.28
N ALA B 156 16.34 11.64 11.06
CA ALA B 156 17.41 11.13 11.90
C ALA B 156 17.20 9.66 12.18
N PRO B 157 16.98 8.83 11.14
CA PRO B 157 16.58 7.43 11.32
C PRO B 157 17.67 6.62 12.00
N TRP B 158 17.22 5.73 12.88
CA TRP B 158 18.01 4.68 13.52
C TRP B 158 17.40 3.33 13.13
N SER B 159 18.24 2.38 12.68
CA SER B 159 17.82 1.03 12.33
C SER B 159 19.04 0.11 12.39
N ALA B 160 18.85 -1.08 12.98
CA ALA B 160 19.90 -2.11 12.95
C ALA B 160 19.87 -2.83 11.61
N SER B 161 18.71 -2.79 10.94
CA SER B 161 18.59 -3.21 9.55
C SER B 161 19.15 -2.11 8.66
N LYS B 162 20.10 -2.46 7.80
CA LYS B 162 20.84 -1.50 7.01
C LYS B 162 20.49 -1.60 5.52
N ASN B 163 19.87 -2.71 5.09
CA ASN B 163 19.67 -2.95 3.67
C ASN B 163 18.27 -2.56 3.22
N PHE B 164 18.15 -1.42 2.52
CA PHE B 164 16.89 -0.95 1.95
C PHE B 164 16.99 -0.96 0.42
N SER B 165 17.76 -1.91 -0.13
CA SER B 165 17.92 -2.07 -1.58
CA SER B 165 17.91 -1.99 -1.58
C SER B 165 16.59 -2.36 -2.28
N SER B 166 15.62 -2.90 -1.52
CA SER B 166 14.39 -3.36 -2.16
C SER B 166 13.40 -2.22 -2.30
N LEU B 167 13.70 -1.05 -1.71
CA LEU B 167 12.70 -0.01 -1.67
C LEU B 167 12.38 0.49 -3.07
N THR B 168 11.08 0.58 -3.38
CA THR B 168 10.60 1.30 -4.55
C THR B 168 9.75 2.51 -4.13
N VAL B 169 9.56 2.67 -2.82
CA VAL B 169 8.77 3.75 -2.25
C VAL B 169 9.58 5.05 -2.27
N PRO B 170 9.05 6.16 -2.84
CA PRO B 170 9.77 7.43 -2.81
C PRO B 170 10.13 7.81 -1.38
N THR B 171 11.43 7.99 -1.11
CA THR B 171 11.89 8.23 0.25
C THR B 171 12.80 9.45 0.33
N LEU B 172 12.39 10.38 1.20
CA LEU B 172 13.20 11.49 1.67
C LEU B 172 13.77 11.15 3.03
N ILE B 173 15.11 11.13 3.13
CA ILE B 173 15.76 10.99 4.41
C ILE B 173 16.16 12.38 4.89
N ILE B 174 15.58 12.79 6.02
CA ILE B 174 16.07 13.95 6.73
C ILE B 174 17.17 13.50 7.69
N ALA B 175 18.34 14.17 7.68
CA ALA B 175 19.45 13.78 8.52
C ALA B 175 19.94 15.00 9.30
N CYS B 176 20.66 14.74 10.40
CA CYS B 176 21.21 15.73 11.31
C CYS B 176 22.75 15.56 11.38
N GLU B 177 23.46 16.55 10.85
CA GLU B 177 24.88 16.42 10.54
C GLU B 177 25.66 15.86 11.73
N ASN B 178 25.41 16.41 12.92
CA ASN B 178 26.21 16.11 14.08
C ASN B 178 25.56 15.07 14.98
N ASP B 179 24.62 14.29 14.43
CA ASP B 179 23.93 13.26 15.17
C ASP B 179 24.93 12.28 15.78
N THR B 180 24.83 12.08 17.11
CA THR B 180 25.70 11.16 17.80
C THR B 180 24.90 9.95 18.28
N ILE B 181 23.59 9.91 18.03
CA ILE B 181 22.72 8.85 18.51
C ILE B 181 22.45 7.89 17.37
N ALA B 182 22.10 8.47 16.21
CA ALA B 182 21.94 7.73 14.98
C ALA B 182 22.95 8.31 14.02
N PRO B 183 24.26 8.10 14.28
CA PRO B 183 25.30 8.74 13.51
C PRO B 183 25.03 8.53 12.03
N VAL B 184 25.12 9.61 11.26
CA VAL B 184 24.75 9.59 9.84
C VAL B 184 25.51 8.51 9.08
N ASN B 185 26.81 8.38 9.30
CA ASN B 185 27.56 7.47 8.46
C ASN B 185 27.30 6.00 8.80
N GLN B 186 26.51 5.69 9.83
CA GLN B 186 26.18 4.32 10.15
C GLN B 186 24.69 4.04 10.02
N HIS B 187 23.90 5.12 9.88
CA HIS B 187 22.44 5.05 9.78
C HIS B 187 22.02 5.72 8.48
N ALA B 188 21.72 7.01 8.50
CA ALA B 188 21.09 7.68 7.36
C ALA B 188 21.85 7.43 6.07
N ASP B 189 23.19 7.63 6.05
CA ASP B 189 23.99 7.41 4.84
C ASP B 189 23.84 5.98 4.36
N THR B 190 23.99 5.02 5.27
CA THR B 190 23.94 3.63 4.87
C THR B 190 22.58 3.30 4.23
N PHE B 191 21.50 3.76 4.87
CA PHE B 191 20.17 3.47 4.36
C PHE B 191 20.04 4.01 2.93
N TYR B 192 20.45 5.29 2.76
CA TYR B 192 20.26 5.99 1.50
C TYR B 192 21.09 5.29 0.41
N ASP B 193 22.32 4.90 0.75
CA ASP B 193 23.25 4.36 -0.22
C ASP B 193 22.87 2.94 -0.63
N SER B 194 22.02 2.26 0.16
CA SER B 194 21.54 0.95 -0.26
C SER B 194 20.46 1.06 -1.34
N MET B 195 19.85 2.22 -1.48
CA MET B 195 18.69 2.40 -2.34
C MET B 195 19.15 2.59 -3.78
N SER B 196 18.37 2.06 -4.72
CA SER B 196 18.64 2.29 -6.14
C SER B 196 17.38 2.30 -7.01
N ARG B 197 16.22 1.79 -6.54
CA ARG B 197 15.08 1.62 -7.43
C ARG B 197 14.00 2.68 -7.21
N ASN B 198 14.25 3.66 -6.30
CA ASN B 198 13.18 4.53 -5.84
C ASN B 198 13.55 5.99 -6.01
N PRO B 199 12.59 6.88 -6.32
CA PRO B 199 12.82 8.32 -6.18
C PRO B 199 13.28 8.52 -4.75
N ARG B 200 14.32 9.35 -4.55
CA ARG B 200 14.84 9.46 -3.20
C ARG B 200 15.65 10.75 -3.07
N GLU B 201 15.80 11.21 -1.81
CA GLU B 201 16.46 12.46 -1.53
C GLU B 201 17.02 12.40 -0.11
N PHE B 202 18.15 13.11 0.09
CA PHE B 202 18.85 13.15 1.35
C PHE B 202 19.04 14.62 1.72
N LEU B 203 18.46 15.03 2.85
CA LEU B 203 18.52 16.41 3.29
C LEU B 203 19.12 16.47 4.68
N GLU B 204 20.36 16.97 4.79
CA GLU B 204 21.08 16.93 6.05
C GLU B 204 21.21 18.37 6.54
N ILE B 205 20.61 18.61 7.71
CA ILE B 205 20.71 19.88 8.41
C ILE B 205 22.11 20.12 8.99
N ASN B 206 22.65 21.26 8.61
CA ASN B 206 23.96 21.75 9.02
C ASN B 206 24.04 21.79 10.55
N ASN B 207 25.05 21.10 11.10
CA ASN B 207 25.35 21.06 12.53
C ASN B 207 24.17 20.57 13.36
N GLY B 208 23.25 19.80 12.74
CA GLY B 208 22.10 19.31 13.46
C GLY B 208 22.52 18.31 14.55
N SER B 209 21.92 18.47 15.74
CA SER B 209 21.93 17.41 16.73
C SER B 209 20.84 16.41 16.34
N HIS B 210 20.77 15.31 17.07
CA HIS B 210 19.82 14.24 16.83
C HIS B 210 18.37 14.73 16.72
N SER B 211 18.07 15.88 17.36
CA SER B 211 16.71 16.39 17.46
CA SER B 211 16.71 16.39 17.46
C SER B 211 16.45 17.50 16.43
N CYS B 212 17.27 17.57 15.38
CA CYS B 212 17.28 18.74 14.50
C CYS B 212 15.96 18.94 13.71
N ALA B 213 15.12 17.89 13.61
CA ALA B 213 13.86 17.96 12.89
C ALA B 213 12.63 17.81 13.78
N ASN B 214 12.82 17.90 15.11
CA ASN B 214 11.75 17.65 16.07
C ASN B 214 10.91 18.92 16.23
N SER B 215 9.81 18.81 16.98
CA SER B 215 8.98 19.97 17.31
C SER B 215 9.85 21.06 17.94
N GLY B 216 9.60 22.30 17.52
CA GLY B 216 10.32 23.44 18.08
C GLY B 216 11.64 23.74 17.38
N ASN B 217 12.00 22.98 16.33
CA ASN B 217 13.28 23.17 15.65
C ASN B 217 13.29 24.52 14.91
N SER B 218 14.50 25.00 14.59
CA SER B 218 14.68 26.32 14.02
C SER B 218 14.70 26.28 12.48
N ASN B 219 14.37 25.12 11.90
CA ASN B 219 14.37 24.93 10.45
C ASN B 219 13.02 24.46 9.90
N GLN B 220 11.89 24.89 10.49
CA GLN B 220 10.57 24.51 10.03
C GLN B 220 10.27 25.05 8.62
N ALA B 221 10.81 26.21 8.26
CA ALA B 221 10.52 26.75 6.94
C ALA B 221 11.06 25.77 5.89
N LEU B 222 12.32 25.33 6.06
CA LEU B 222 12.93 24.43 5.08
C LEU B 222 12.34 23.02 5.18
N LEU B 223 12.32 22.45 6.41
CA LEU B 223 11.90 21.09 6.62
C LEU B 223 10.43 20.92 6.23
N GLY B 224 9.58 21.87 6.61
CA GLY B 224 8.18 21.82 6.29
C GLY B 224 7.93 21.95 4.79
N LYS B 225 8.64 22.85 4.11
CA LYS B 225 8.57 22.92 2.65
C LYS B 225 8.93 21.57 2.01
N LYS B 226 10.00 20.94 2.48
CA LYS B 226 10.48 19.73 1.83
C LYS B 226 9.56 18.56 2.14
N GLY B 227 9.13 18.41 3.40
CA GLY B 227 8.24 17.32 3.77
C GLY B 227 6.89 17.41 3.06
N VAL B 228 6.25 18.59 3.09
CA VAL B 228 5.00 18.78 2.38
C VAL B 228 5.19 18.55 0.87
N ALA B 229 6.26 19.09 0.27
CA ALA B 229 6.49 18.94 -1.17
C ALA B 229 6.64 17.47 -1.55
N TRP B 230 7.38 16.73 -0.71
CA TRP B 230 7.60 15.31 -0.96
C TRP B 230 6.29 14.55 -0.88
N MET B 231 5.52 14.75 0.19
CA MET B 231 4.24 14.06 0.35
C MET B 231 3.25 14.44 -0.77
N LYS B 232 3.20 15.72 -1.16
CA LYS B 232 2.37 16.13 -2.28
C LYS B 232 2.77 15.41 -3.57
N ARG B 233 4.05 15.48 -3.92
CA ARG B 233 4.52 14.93 -5.19
C ARG B 233 4.20 13.43 -5.26
N PHE B 234 4.40 12.68 -4.18
CA PHE B 234 4.40 11.24 -4.28
C PHE B 234 3.10 10.62 -3.77
N MET B 235 2.48 11.18 -2.73
CA MET B 235 1.20 10.71 -2.23
C MET B 235 0.05 11.14 -3.16
N ASP B 236 0.14 12.32 -3.78
CA ASP B 236 -0.93 12.83 -4.63
C ASP B 236 -0.54 12.78 -6.11
N ASN B 237 0.67 12.27 -6.43
CA ASN B 237 1.13 12.25 -7.80
C ASN B 237 1.11 13.66 -8.39
N ASP B 238 1.39 14.65 -7.54
CA ASP B 238 1.10 16.05 -7.86
C ASP B 238 2.34 16.68 -8.47
N ARG B 239 2.32 16.76 -9.80
CA ARG B 239 3.49 17.16 -10.53
C ARG B 239 3.76 18.66 -10.35
N ARG B 240 2.76 19.42 -9.89
CA ARG B 240 3.01 20.80 -9.52
C ARG B 240 4.07 20.89 -8.42
N TYR B 241 4.40 19.78 -7.71
CA TYR B 241 5.38 19.84 -6.64
C TYR B 241 6.73 19.18 -6.99
N THR B 242 6.94 18.76 -8.25
CA THR B 242 8.18 18.10 -8.65
C THR B 242 9.39 18.98 -8.31
N SER B 243 9.40 20.26 -8.70
CA SER B 243 10.62 21.03 -8.52
C SER B 243 10.86 21.25 -7.04
N PHE B 244 9.79 21.58 -6.30
CA PHE B 244 9.91 21.74 -4.86
C PHE B 244 10.42 20.45 -4.20
N ALA B 245 9.94 19.28 -4.66
CA ALA B 245 10.31 18.02 -4.04
C ALA B 245 11.75 17.65 -4.40
N CYS B 246 12.12 17.87 -5.67
CA CYS B 246 13.33 17.28 -6.25
C CYS B 246 14.54 18.21 -6.20
N SER B 247 14.33 19.51 -6.07
CA SER B 247 15.41 20.47 -6.28
CA SER B 247 15.41 20.47 -6.28
C SER B 247 16.27 20.62 -5.03
N ASN B 248 17.54 20.98 -5.27
CA ASN B 248 18.46 21.42 -4.23
C ASN B 248 17.91 22.70 -3.62
N PRO B 249 17.63 22.74 -2.31
CA PRO B 249 17.18 23.98 -1.68
C PRO B 249 18.23 25.09 -1.70
N ASN B 250 19.51 24.74 -1.95
CA ASN B 250 20.65 25.64 -1.84
C ASN B 250 20.50 26.53 -0.62
N SER B 251 20.61 25.94 0.57
CA SER B 251 20.58 26.64 1.84
C SER B 251 21.87 26.37 2.61
N TYR B 252 22.41 27.39 3.30
CA TYR B 252 23.56 27.19 4.16
C TYR B 252 23.23 26.26 5.34
N ASN B 253 21.93 26.17 5.69
CA ASN B 253 21.49 25.30 6.78
C ASN B 253 21.46 23.82 6.35
N VAL B 254 21.79 23.55 5.09
CA VAL B 254 21.94 22.19 4.57
C VAL B 254 23.41 21.90 4.34
N SER B 255 23.97 20.98 5.15
CA SER B 255 25.37 20.58 5.04
C SER B 255 25.56 19.55 3.92
N ASP B 256 24.51 18.81 3.56
CA ASP B 256 24.63 17.84 2.49
C ASP B 256 23.25 17.58 1.87
N PHE B 257 23.19 17.67 0.53
CA PHE B 257 21.99 17.40 -0.27
C PHE B 257 22.34 16.38 -1.32
N ARG B 258 21.45 15.38 -1.45
CA ARG B 258 21.57 14.35 -2.46
C ARG B 258 20.17 14.09 -3.02
N VAL B 259 20.09 13.66 -4.27
CA VAL B 259 18.82 13.31 -4.87
C VAL B 259 19.12 12.34 -6.02
N ALA B 260 18.14 11.45 -6.29
CA ALA B 260 18.24 10.54 -7.43
C ALA B 260 16.84 10.04 -7.85
N ALA B 261 16.66 9.90 -9.16
CA ALA B 261 15.44 9.34 -9.73
C ALA B 261 14.22 10.17 -9.33
N CYS B 262 14.41 11.50 -9.23
CA CYS B 262 13.38 12.47 -8.87
C CYS B 262 13.32 13.46 -10.06
N ASN B 263 12.44 13.17 -11.04
CA ASN B 263 12.41 13.85 -12.33
C ASN B 263 13.77 14.49 -12.69
#